data_6UPT
#
_entry.id   6UPT
#
_cell.length_a   125.050
_cell.length_b   125.050
_cell.length_c   125.050
_cell.angle_alpha   90.000
_cell.angle_beta   90.000
_cell.angle_gamma   90.000
#
_symmetry.space_group_name_H-M   'I 21 3'
#
loop_
_entity.id
_entity.type
_entity.pdbx_description
1 polymer 'TP53-binding protein 1'
2 non-polymer 2-((2-chlorobenzyl)thio)-4,5-dihydro-1H-imidazole
3 non-polymer 'UNKNOWN ATOM OR ION'
4 water water
#
_entity_poly.entity_id   1
_entity_poly.type   'polypeptide(L)'
_entity_poly.pdbx_seq_one_letter_code
;GNSFVGLRVVAKWSSNGYFYSGKITRDVGAGKYKLLFDDGYECDVLGKDILLCDPIPLDTEVTALSEDEYFSAGVVKGHR
KESGELYYSIEKEGQRKWYKRMAVILSLEQGNRLREQYGLGPYE
;
_entity_poly.pdbx_strand_id   A,B
#
# COMPACT_ATOMS: atom_id res chain seq x y z
N SER A 3 5.65 19.84 -5.86
CA SER A 3 5.01 19.34 -4.60
C SER A 3 4.41 17.95 -4.84
N PHE A 4 3.39 17.86 -5.71
CA PHE A 4 2.72 16.61 -6.13
C PHE A 4 3.31 16.11 -7.46
N VAL A 5 4.13 16.93 -8.12
CA VAL A 5 4.78 16.61 -9.41
C VAL A 5 5.63 15.36 -9.18
N GLY A 6 5.69 14.44 -10.17
CA GLY A 6 6.49 13.20 -10.11
C GLY A 6 5.73 12.01 -9.50
N LEU A 7 4.61 12.22 -8.82
CA LEU A 7 3.91 11.11 -8.09
C LEU A 7 3.08 10.27 -9.07
N ARG A 8 3.04 8.96 -8.85
N ARG A 8 3.06 8.95 -8.87
CA ARG A 8 2.12 8.04 -9.54
CA ARG A 8 2.15 8.03 -9.59
C ARG A 8 0.73 8.25 -8.97
C ARG A 8 0.75 8.18 -8.99
N VAL A 9 -0.27 8.34 -9.86
CA VAL A 9 -1.68 8.57 -9.49
C VAL A 9 -2.57 7.70 -10.37
N VAL A 10 -3.84 7.72 -10.03
CA VAL A 10 -4.91 7.16 -10.87
C VAL A 10 -5.84 8.33 -11.12
N ALA A 11 -6.00 8.69 -12.38
CA ALA A 11 -6.61 9.98 -12.78
C ALA A 11 -7.71 9.76 -13.83
N LYS A 12 -8.76 10.56 -13.71
CA LYS A 12 -9.92 10.56 -14.61
C LYS A 12 -9.51 11.01 -16.01
N TRP A 13 -9.87 10.19 -16.98
CA TRP A 13 -10.01 10.59 -18.39
C TRP A 13 -11.45 11.09 -18.59
N SER A 14 -11.62 12.42 -18.64
CA SER A 14 -12.94 13.12 -18.66
C SER A 14 -13.86 12.57 -19.76
N SER A 15 -13.32 12.10 -20.88
CA SER A 15 -14.10 11.62 -22.05
C SER A 15 -15.00 10.44 -21.64
N ASN A 16 -14.49 9.45 -20.91
CA ASN A 16 -15.26 8.22 -20.59
C ASN A 16 -15.52 8.08 -19.08
N GLY A 17 -14.92 8.95 -18.25
CA GLY A 17 -15.20 9.06 -16.82
C GLY A 17 -14.48 7.99 -15.99
N TYR A 18 -13.65 7.14 -16.60
CA TYR A 18 -12.90 6.09 -15.87
C TYR A 18 -11.55 6.67 -15.40
N PHE A 19 -10.94 6.05 -14.40
CA PHE A 19 -9.64 6.48 -13.81
C PHE A 19 -8.53 5.53 -14.24
N TYR A 20 -7.44 6.08 -14.76
CA TYR A 20 -6.32 5.32 -15.36
C TYR A 20 -5.00 5.69 -14.68
N SER A 21 -4.06 4.75 -14.71
CA SER A 21 -2.75 4.87 -14.06
C SER A 21 -1.91 5.91 -14.83
N GLY A 22 -1.28 6.83 -14.11
CA GLY A 22 -0.40 7.84 -14.74
C GLY A 22 0.47 8.53 -13.71
N LYS A 23 1.20 9.56 -14.12
CA LYS A 23 2.04 10.38 -13.20
C LYS A 23 1.68 11.85 -13.41
N ILE A 24 1.62 12.62 -12.33
CA ILE A 24 1.62 14.11 -12.42
C ILE A 24 3.01 14.51 -12.93
N THR A 25 3.11 15.11 -14.11
CA THR A 25 4.44 15.55 -14.65
C THR A 25 4.65 17.01 -14.22
N ARG A 26 3.59 17.81 -14.17
CA ARG A 26 3.72 19.28 -14.00
C ARG A 26 2.46 19.87 -13.37
N ASP A 27 2.64 20.86 -12.49
CA ASP A 27 1.57 21.81 -12.09
C ASP A 27 1.48 22.87 -13.20
N VAL A 28 0.30 23.02 -13.82
CA VAL A 28 0.12 23.92 -15.00
C VAL A 28 -0.92 25.01 -14.69
N GLY A 29 -1.18 25.28 -13.40
CA GLY A 29 -2.08 26.36 -12.93
C GLY A 29 -3.52 26.08 -13.30
N ALA A 30 -4.46 26.90 -12.82
CA ALA A 30 -5.92 26.74 -13.01
C ALA A 30 -6.42 25.59 -12.13
N GLY A 31 -5.59 25.17 -11.15
CA GLY A 31 -5.84 24.01 -10.27
C GLY A 31 -5.74 22.70 -11.04
N LYS A 32 -4.93 22.70 -12.10
CA LYS A 32 -4.80 21.56 -13.04
C LYS A 32 -3.37 21.04 -13.01
N TYR A 33 -3.22 19.78 -13.36
CA TYR A 33 -1.92 19.10 -13.43
C TYR A 33 -1.80 18.50 -14.82
N LYS A 34 -0.59 18.48 -15.36
CA LYS A 34 -0.25 17.70 -16.57
C LYS A 34 -0.22 16.22 -16.17
N LEU A 35 -1.07 15.40 -16.75
CA LEU A 35 -1.06 13.93 -16.50
C LEU A 35 -0.36 13.21 -17.65
N LEU A 36 0.70 12.49 -17.36
CA LEU A 36 1.25 11.49 -18.31
C LEU A 36 0.68 10.12 -17.98
N PHE A 37 -0.27 9.66 -18.79
CA PHE A 37 -0.88 8.33 -18.58
C PHE A 37 0.12 7.27 -18.98
N ASP A 38 0.00 6.09 -18.37
CA ASP A 38 0.98 4.99 -18.59
C ASP A 38 0.96 4.52 -20.07
N ASP A 39 -0.07 4.82 -20.85
CA ASP A 39 -0.09 4.40 -22.28
C ASP A 39 0.61 5.46 -23.14
N GLY A 40 1.04 6.56 -22.52
CA GLY A 40 1.74 7.66 -23.20
C GLY A 40 0.81 8.78 -23.60
N TYR A 41 -0.52 8.63 -23.44
CA TYR A 41 -1.51 9.72 -23.59
C TYR A 41 -1.23 10.79 -22.54
N GLU A 42 -1.41 12.06 -22.91
CA GLU A 42 -1.15 13.21 -22.02
C GLU A 42 -2.42 14.05 -21.96
N CYS A 43 -2.70 14.62 -20.80
CA CYS A 43 -3.91 15.46 -20.61
C CYS A 43 -3.78 16.29 -19.34
N ASP A 44 -4.30 17.50 -19.36
CA ASP A 44 -4.38 18.36 -18.15
C ASP A 44 -5.60 17.88 -17.38
N VAL A 45 -5.44 17.60 -16.09
CA VAL A 45 -6.54 17.06 -15.25
C VAL A 45 -6.66 17.90 -13.96
N LEU A 46 -7.89 18.15 -13.52
CA LEU A 46 -8.22 18.85 -12.25
C LEU A 46 -7.79 17.99 -11.06
N GLY A 47 -7.35 18.63 -9.98
CA GLY A 47 -6.98 17.96 -8.73
C GLY A 47 -8.09 17.08 -8.18
N LYS A 48 -9.35 17.44 -8.40
CA LYS A 48 -10.49 16.68 -7.83
C LYS A 48 -10.66 15.33 -8.55
N ASP A 49 -10.01 15.15 -9.70
CA ASP A 49 -10.14 13.96 -10.58
C ASP A 49 -8.87 13.12 -10.48
N ILE A 50 -8.04 13.38 -9.47
CA ILE A 50 -6.76 12.65 -9.31
C ILE A 50 -6.79 11.93 -7.96
N LEU A 51 -6.46 10.65 -7.95
CA LEU A 51 -6.35 9.84 -6.72
C LEU A 51 -4.86 9.55 -6.48
N LEU A 52 -4.38 9.77 -5.27
CA LEU A 52 -2.93 9.61 -4.97
C LEU A 52 -2.67 8.25 -4.34
N CYS A 53 -3.25 7.16 -4.83
CA CYS A 53 -2.88 5.83 -4.30
C CYS A 53 -1.93 5.17 -5.27
N ASP A 54 -0.82 4.71 -4.70
CA ASP A 54 0.21 3.94 -5.40
C ASP A 54 0.86 3.00 -4.40
N PRO A 55 0.56 1.70 -4.42
CA PRO A 55 -0.43 1.11 -5.35
C PRO A 55 -1.90 1.33 -4.96
N ILE A 56 -2.84 0.92 -5.83
CA ILE A 56 -4.27 0.78 -5.42
C ILE A 56 -4.31 -0.26 -4.31
N PRO A 57 -4.90 0.05 -3.15
CA PRO A 57 -4.81 -0.84 -2.00
C PRO A 57 -5.51 -2.19 -2.19
N LEU A 58 -4.97 -3.19 -1.51
CA LEU A 58 -5.63 -4.50 -1.25
C LEU A 58 -7.09 -4.24 -0.87
N ASP A 59 -7.96 -5.09 -1.40
CA ASP A 59 -9.42 -5.13 -1.11
C ASP A 59 -10.13 -3.99 -1.82
N THR A 60 -9.47 -3.26 -2.73
CA THR A 60 -10.18 -2.21 -3.51
C THR A 60 -10.97 -2.86 -4.65
N GLU A 61 -12.18 -2.37 -4.91
N GLU A 61 -12.18 -2.36 -4.92
CA GLU A 61 -12.94 -2.76 -6.13
CA GLU A 61 -12.95 -2.71 -6.15
C GLU A 61 -12.43 -1.97 -7.34
C GLU A 61 -12.40 -1.95 -7.35
N VAL A 62 -12.04 -2.66 -8.40
CA VAL A 62 -11.37 -2.08 -9.60
C VAL A 62 -12.00 -2.69 -10.84
N THR A 63 -11.54 -2.24 -12.00
CA THR A 63 -11.90 -2.79 -13.32
C THR A 63 -10.62 -3.23 -14.03
N ALA A 64 -10.62 -4.45 -14.51
CA ALA A 64 -9.49 -5.03 -15.23
C ALA A 64 -9.78 -4.86 -16.73
N LEU A 65 -8.82 -4.35 -17.48
CA LEU A 65 -8.88 -4.29 -18.96
C LEU A 65 -8.24 -5.54 -19.53
N SER A 66 -8.99 -6.26 -20.37
CA SER A 66 -8.48 -7.45 -21.12
C SER A 66 -7.61 -6.99 -22.29
N GLU A 67 -6.97 -7.93 -22.98
CA GLU A 67 -6.31 -7.75 -24.31
C GLU A 67 -7.26 -7.05 -25.29
N ASP A 68 -8.54 -7.41 -25.26
CA ASP A 68 -9.60 -6.95 -26.18
C ASP A 68 -10.20 -5.61 -25.71
N GLU A 69 -9.68 -5.03 -24.62
CA GLU A 69 -10.24 -3.84 -23.92
C GLU A 69 -11.66 -4.17 -23.41
N TYR A 70 -11.93 -5.41 -23.02
CA TYR A 70 -13.15 -5.73 -22.24
C TYR A 70 -12.92 -5.22 -20.82
N PHE A 71 -13.97 -4.68 -20.21
CA PHE A 71 -13.97 -4.19 -18.82
C PHE A 71 -14.62 -5.25 -17.94
N SER A 72 -13.90 -5.72 -16.93
CA SER A 72 -14.39 -6.72 -15.96
C SER A 72 -14.17 -6.18 -14.54
N ALA A 73 -15.18 -6.22 -13.68
CA ALA A 73 -15.01 -5.84 -12.27
C ALA A 73 -14.25 -6.93 -11.52
N GLY A 74 -13.47 -6.51 -10.53
CA GLY A 74 -12.76 -7.43 -9.63
C GLY A 74 -12.29 -6.74 -8.37
N VAL A 75 -11.60 -7.51 -7.52
CA VAL A 75 -11.09 -7.00 -6.21
C VAL A 75 -9.58 -7.25 -6.15
N VAL A 76 -8.84 -6.22 -5.73
CA VAL A 76 -7.37 -6.34 -5.61
C VAL A 76 -7.11 -7.29 -4.43
N LYS A 77 -6.44 -8.41 -4.68
CA LYS A 77 -6.02 -9.34 -3.60
C LYS A 77 -4.51 -9.50 -3.51
N GLY A 78 -3.74 -8.91 -4.44
CA GLY A 78 -2.29 -9.04 -4.42
C GLY A 78 -1.59 -7.94 -5.19
N HIS A 79 -0.34 -7.72 -4.82
CA HIS A 79 0.62 -6.83 -5.52
C HIS A 79 1.93 -7.62 -5.70
N ARG A 80 2.63 -7.38 -6.80
CA ARG A 80 3.94 -8.02 -7.05
C ARG A 80 4.81 -7.01 -7.83
N LYS A 81 6.05 -6.83 -7.39
CA LYS A 81 7.11 -6.14 -8.17
C LYS A 81 7.83 -7.24 -8.95
N GLU A 82 7.84 -7.11 -10.28
CA GLU A 82 8.56 -7.96 -11.25
C GLU A 82 9.30 -7.03 -12.20
N SER A 83 10.63 -6.98 -12.09
CA SER A 83 11.55 -6.27 -13.02
C SER A 83 11.24 -4.78 -12.96
N GLY A 84 11.12 -4.23 -11.75
CA GLY A 84 10.87 -2.80 -11.50
C GLY A 84 9.42 -2.40 -11.73
N GLU A 85 8.56 -3.30 -12.23
CA GLU A 85 7.17 -3.00 -12.67
C GLU A 85 6.15 -3.63 -11.69
N LEU A 86 5.02 -2.94 -11.50
CA LEU A 86 3.96 -3.40 -10.58
C LEU A 86 2.95 -4.25 -11.33
N TYR A 87 2.55 -5.35 -10.72
CA TYR A 87 1.43 -6.21 -11.15
C TYR A 87 0.43 -6.33 -9.98
N TYR A 88 -0.83 -6.48 -10.36
CA TYR A 88 -2.00 -6.61 -9.45
C TYR A 88 -2.59 -8.01 -9.65
N SER A 89 -2.88 -8.69 -8.54
CA SER A 89 -3.68 -9.93 -8.51
C SER A 89 -5.12 -9.52 -8.34
N ILE A 90 -5.95 -9.75 -9.35
CA ILE A 90 -7.38 -9.31 -9.34
C ILE A 90 -8.27 -10.56 -9.25
N GLU A 91 -9.17 -10.56 -8.27
CA GLU A 91 -10.06 -11.72 -8.02
C GLU A 91 -11.44 -11.38 -8.60
N LYS A 92 -11.99 -12.34 -9.35
CA LYS A 92 -13.43 -12.34 -9.75
C LYS A 92 -13.94 -13.79 -9.73
N GLU A 93 -15.00 -14.04 -8.96
CA GLU A 93 -15.70 -15.35 -8.89
C GLU A 93 -14.71 -16.40 -8.37
N GLY A 94 -14.02 -16.09 -7.27
CA GLY A 94 -13.05 -16.96 -6.59
C GLY A 94 -11.78 -17.24 -7.40
N GLN A 95 -11.62 -16.69 -8.61
CA GLN A 95 -10.38 -16.91 -9.41
C GLN A 95 -9.54 -15.62 -9.46
N ARG A 96 -8.23 -15.74 -9.50
CA ARG A 96 -7.31 -14.58 -9.48
C ARG A 96 -6.50 -14.59 -10.77
N LYS A 97 -6.30 -13.42 -11.36
CA LYS A 97 -5.47 -13.20 -12.57
C LYS A 97 -4.56 -12.00 -12.35
N TRP A 98 -3.38 -12.06 -12.94
CA TRP A 98 -2.30 -11.04 -12.82
C TRP A 98 -2.52 -10.02 -13.92
N TYR A 99 -2.47 -8.74 -13.60
CA TYR A 99 -2.61 -7.66 -14.60
C TYR A 99 -1.46 -6.70 -14.42
N LYS A 100 -0.88 -6.22 -15.52
CA LYS A 100 0.09 -5.10 -15.43
C LYS A 100 -0.63 -3.91 -14.79
N ARG A 101 0.13 -3.00 -14.19
CA ARG A 101 -0.41 -1.81 -13.49
C ARG A 101 -1.42 -1.13 -14.42
N MET A 102 -1.07 -0.94 -15.68
CA MET A 102 -1.84 -0.04 -16.58
C MET A 102 -3.14 -0.69 -17.05
N ALA A 103 -3.31 -2.00 -16.93
CA ALA A 103 -4.55 -2.73 -17.27
C ALA A 103 -5.55 -2.68 -16.09
N VAL A 104 -5.18 -2.06 -14.97
CA VAL A 104 -6.12 -1.86 -13.82
C VAL A 104 -6.56 -0.40 -13.76
N ILE A 105 -7.86 -0.23 -13.86
CA ILE A 105 -8.52 1.10 -13.93
C ILE A 105 -9.65 1.11 -12.91
N LEU A 106 -10.24 2.27 -12.70
CA LEU A 106 -11.43 2.43 -11.82
C LEU A 106 -12.58 2.98 -12.66
N SER A 107 -13.75 2.35 -12.57
CA SER A 107 -15.01 2.91 -13.10
C SER A 107 -15.23 4.29 -12.44
N LEU A 108 -16.11 5.12 -13.00
CA LEU A 108 -16.51 6.40 -12.35
C LEU A 108 -16.84 6.14 -10.87
N GLU A 109 -17.66 5.12 -10.58
CA GLU A 109 -18.13 4.83 -9.19
C GLU A 109 -16.99 4.27 -8.34
N GLN A 110 -16.13 3.41 -8.91
CA GLN A 110 -15.00 2.84 -8.12
C GLN A 110 -14.01 3.94 -7.75
N GLY A 111 -13.77 4.89 -8.65
CA GLY A 111 -12.87 6.01 -8.35
C GLY A 111 -13.52 7.00 -7.41
N ASN A 112 -14.76 7.39 -7.70
CA ASN A 112 -15.50 8.38 -6.86
C ASN A 112 -15.42 7.93 -5.40
N ARG A 113 -15.54 6.63 -5.15
CA ARG A 113 -15.56 5.97 -3.82
C ARG A 113 -14.22 6.17 -3.08
N LEU A 114 -13.10 6.40 -3.77
CA LEU A 114 -11.75 6.59 -3.15
C LEU A 114 -11.43 8.08 -2.94
N ARG A 115 -12.25 9.01 -3.46
CA ARG A 115 -11.95 10.48 -3.45
C ARG A 115 -11.68 10.96 -2.03
N GLU A 116 -12.43 10.47 -1.04
CA GLU A 116 -12.38 10.96 0.37
C GLU A 116 -11.00 10.65 0.96
N GLN A 117 -10.48 9.43 0.77
CA GLN A 117 -9.20 9.01 1.39
C GLN A 117 -8.00 9.41 0.49
N TYR A 118 -8.16 9.42 -0.83
CA TYR A 118 -7.00 9.47 -1.75
C TYR A 118 -7.06 10.65 -2.71
N GLY A 119 -8.16 11.39 -2.72
CA GLY A 119 -8.41 12.49 -3.68
C GLY A 119 -7.49 13.66 -3.43
N LEU A 120 -6.99 14.26 -4.50
CA LEU A 120 -6.02 15.39 -4.41
C LEU A 120 -6.82 16.65 -4.11
N GLY A 121 -7.96 16.83 -4.76
CA GLY A 121 -8.97 17.86 -4.42
C GLY A 121 -8.41 19.27 -4.43
N PHE B 4 -7.06 6.84 16.49
CA PHE B 4 -6.08 5.74 16.19
C PHE B 4 -6.64 4.38 16.64
N VAL B 5 -7.95 4.30 16.91
CA VAL B 5 -8.61 3.11 17.53
C VAL B 5 -8.73 2.04 16.46
N GLY B 6 -8.09 0.88 16.70
CA GLY B 6 -8.21 -0.32 15.86
C GLY B 6 -7.41 -0.23 14.56
N LEU B 7 -6.52 0.75 14.43
CA LEU B 7 -5.55 0.84 13.28
C LEU B 7 -4.50 -0.25 13.44
N ARG B 8 -4.23 -0.98 12.35
CA ARG B 8 -3.08 -1.90 12.25
C ARG B 8 -1.81 -1.05 12.07
N VAL B 9 -0.80 -1.35 12.87
CA VAL B 9 0.47 -0.58 12.93
C VAL B 9 1.61 -1.58 13.04
N VAL B 10 2.83 -1.06 12.95
CA VAL B 10 4.08 -1.77 13.34
C VAL B 10 4.69 -0.94 14.47
N ALA B 11 5.04 -1.56 15.60
CA ALA B 11 5.35 -0.84 16.86
C ALA B 11 6.55 -1.48 17.56
N LYS B 12 7.40 -0.64 18.16
CA LYS B 12 8.66 -1.08 18.82
C LYS B 12 8.30 -1.91 20.04
N TRP B 13 9.04 -3.01 20.23
CA TRP B 13 9.17 -3.78 21.49
C TRP B 13 10.42 -3.26 22.21
N SER B 14 10.22 -2.54 23.32
CA SER B 14 11.26 -1.66 23.96
C SER B 14 12.39 -2.48 24.58
N SER B 15 12.15 -3.76 24.90
CA SER B 15 13.20 -4.74 25.28
C SER B 15 14.29 -4.79 24.20
N ASN B 16 13.97 -5.29 22.98
CA ASN B 16 14.95 -5.72 21.95
C ASN B 16 15.01 -4.70 20.79
N GLY B 17 14.15 -3.67 20.78
CA GLY B 17 14.18 -2.57 19.79
C GLY B 17 13.60 -2.92 18.41
N TYR B 18 13.07 -4.13 18.21
CA TYR B 18 12.48 -4.52 16.90
C TYR B 18 11.04 -4.05 16.85
N PHE B 19 10.52 -3.72 15.65
CA PHE B 19 9.11 -3.33 15.44
C PHE B 19 8.28 -4.56 14.98
N TYR B 20 7.10 -4.74 15.58
CA TYR B 20 6.23 -5.93 15.41
C TYR B 20 4.83 -5.46 14.99
N SER B 21 4.09 -6.23 14.16
CA SER B 21 2.69 -5.88 13.84
C SER B 21 1.78 -6.03 15.06
N GLY B 22 0.82 -5.14 15.15
CA GLY B 22 -0.28 -5.17 16.13
C GLY B 22 -1.33 -4.16 15.74
N LYS B 23 -2.25 -3.91 16.65
CA LYS B 23 -3.34 -2.91 16.50
C LYS B 23 -3.42 -2.10 17.79
N ILE B 24 -3.74 -0.82 17.65
CA ILE B 24 -3.87 0.13 18.78
C ILE B 24 -5.21 -0.18 19.42
N THR B 25 -5.24 -0.47 20.73
CA THR B 25 -6.48 -0.88 21.44
C THR B 25 -7.04 0.28 22.28
N ARG B 26 -6.18 1.19 22.73
CA ARG B 26 -6.60 2.32 23.61
C ARG B 26 -5.71 3.54 23.34
N ASP B 27 -6.32 4.73 23.24
CA ASP B 27 -5.65 6.06 23.29
C ASP B 27 -5.38 6.38 24.77
N VAL B 28 -4.24 5.90 25.30
CA VAL B 28 -3.86 6.00 26.74
C VAL B 28 -3.45 7.44 27.10
N GLY B 29 -3.50 8.38 26.12
CA GLY B 29 -3.29 9.82 26.33
C GLY B 29 -1.82 10.19 26.42
N ALA B 30 -1.50 11.44 26.08
CA ALA B 30 -0.14 12.04 26.15
C ALA B 30 0.86 11.16 25.40
N GLY B 31 0.57 10.88 24.12
CA GLY B 31 1.41 10.04 23.24
C GLY B 31 1.80 8.71 23.87
N LYS B 32 0.90 8.12 24.66
CA LYS B 32 0.97 6.69 25.08
C LYS B 32 -0.23 5.99 24.43
N TYR B 33 -0.01 4.80 23.87
CA TYR B 33 -1.06 3.98 23.21
C TYR B 33 -0.98 2.53 23.69
N LYS B 34 -2.14 1.96 24.00
CA LYS B 34 -2.31 0.52 24.35
C LYS B 34 -2.24 -0.26 23.04
N LEU B 35 -1.31 -1.21 22.96
CA LEU B 35 -0.96 -1.97 21.73
C LEU B 35 -1.26 -3.46 21.98
N LEU B 36 -2.07 -4.09 21.12
CA LEU B 36 -2.24 -5.58 21.06
C LEU B 36 -1.43 -6.12 19.88
N PHE B 37 -0.27 -6.72 20.14
CA PHE B 37 0.59 -7.30 19.09
C PHE B 37 -0.06 -8.60 18.59
N ASP B 38 0.23 -8.94 17.34
CA ASP B 38 -0.34 -10.12 16.64
C ASP B 38 -0.11 -11.37 17.48
N ASP B 39 1.02 -11.49 18.17
CA ASP B 39 1.43 -12.70 18.93
C ASP B 39 0.79 -12.70 20.32
N GLY B 40 -0.17 -11.81 20.58
CA GLY B 40 -1.03 -11.82 21.78
C GLY B 40 -0.54 -10.92 22.90
N TYR B 41 0.75 -10.56 22.94
CA TYR B 41 1.32 -9.67 23.99
C TYR B 41 0.71 -8.26 23.85
N GLU B 42 0.29 -7.64 24.95
CA GLU B 42 -0.24 -6.25 24.97
C GLU B 42 0.65 -5.40 25.87
N CYS B 43 0.85 -4.12 25.53
CA CYS B 43 1.42 -3.12 26.47
C CYS B 43 1.25 -1.68 25.97
N ASP B 44 1.59 -0.74 26.84
CA ASP B 44 1.69 0.70 26.55
C ASP B 44 2.95 0.91 25.71
N VAL B 45 2.83 1.62 24.60
CA VAL B 45 3.96 2.03 23.72
C VAL B 45 3.82 3.53 23.49
N LEU B 46 4.95 4.22 23.33
CA LEU B 46 4.96 5.68 23.08
C LEU B 46 4.65 5.94 21.61
N GLY B 47 3.91 7.02 21.31
CA GLY B 47 3.61 7.47 19.94
C GLY B 47 4.84 7.46 19.05
N LYS B 48 6.01 7.73 19.63
CA LYS B 48 7.29 7.80 18.89
C LYS B 48 7.65 6.40 18.39
N ASP B 49 7.10 5.33 18.99
CA ASP B 49 7.57 3.95 18.71
C ASP B 49 6.60 3.22 17.75
N ILE B 50 5.74 3.97 17.06
CA ILE B 50 4.64 3.42 16.20
C ILE B 50 4.82 3.90 14.76
N LEU B 51 4.75 2.96 13.80
CA LEU B 51 4.65 3.21 12.35
C LEU B 51 3.27 2.78 11.83
N LEU B 52 2.68 3.60 10.98
CA LEU B 52 1.26 3.47 10.60
C LEU B 52 1.12 2.66 9.30
N CYS B 53 2.16 1.95 8.87
CA CYS B 53 2.16 1.31 7.54
C CYS B 53 1.41 -0.02 7.67
N ASP B 54 0.37 -0.16 6.86
CA ASP B 54 -0.41 -1.40 6.72
C ASP B 54 -0.87 -1.45 5.28
N PRO B 55 -0.27 -2.27 4.40
CA PRO B 55 0.87 -3.12 4.73
C PRO B 55 2.22 -2.39 4.76
N ILE B 56 3.28 -3.14 5.09
CA ILE B 56 4.68 -2.67 4.92
C ILE B 56 4.88 -2.54 3.41
N PRO B 57 5.30 -1.34 2.91
CA PRO B 57 5.32 -1.05 1.49
C PRO B 57 6.25 -1.99 0.73
N LEU B 58 5.91 -2.21 -0.53
CA LEU B 58 6.77 -2.91 -1.51
C LEU B 58 8.15 -2.23 -1.52
N ASP B 59 9.20 -3.02 -1.73
CA ASP B 59 10.63 -2.59 -1.79
C ASP B 59 11.14 -2.08 -0.44
N THR B 60 10.48 -2.41 0.68
CA THR B 60 10.97 -2.14 2.06
C THR B 60 11.92 -3.27 2.50
N GLU B 61 13.08 -2.90 3.08
CA GLU B 61 14.00 -3.86 3.75
C GLU B 61 13.39 -4.19 5.10
N VAL B 62 13.25 -5.49 5.39
CA VAL B 62 12.55 -6.02 6.58
C VAL B 62 13.35 -7.21 7.12
N THR B 63 12.90 -7.73 8.26
CA THR B 63 13.45 -8.93 8.93
C THR B 63 12.35 -10.02 8.93
N ALA B 64 12.64 -11.16 8.31
CA ALA B 64 11.74 -12.33 8.17
C ALA B 64 12.12 -13.44 9.17
N LEU B 65 11.19 -13.82 10.04
CA LEU B 65 11.34 -14.89 11.06
C LEU B 65 10.96 -16.24 10.43
N SER B 66 11.89 -17.20 10.41
CA SER B 66 11.80 -18.47 9.66
C SER B 66 11.07 -19.51 10.53
N GLU B 67 11.83 -20.33 11.25
CA GLU B 67 11.35 -21.08 12.44
C GLU B 67 11.42 -20.12 13.63
N ASP B 68 11.18 -20.63 14.85
CA ASP B 68 11.36 -19.88 16.12
C ASP B 68 12.86 -19.62 16.36
N GLU B 69 13.74 -20.24 15.55
CA GLU B 69 15.21 -20.11 15.65
C GLU B 69 15.68 -18.95 14.75
N TYR B 70 15.39 -19.04 13.45
CA TYR B 70 16.10 -18.29 12.37
C TYR B 70 15.38 -16.98 12.07
N PHE B 71 16.13 -16.08 11.41
CA PHE B 71 15.71 -14.69 11.05
C PHE B 71 16.75 -14.10 10.09
N SER B 72 16.31 -13.50 8.99
CA SER B 72 17.21 -12.85 8.00
C SER B 72 16.54 -11.64 7.35
N ALA B 73 17.39 -10.69 6.92
CA ALA B 73 17.01 -9.47 6.18
C ALA B 73 16.54 -9.86 4.77
N GLY B 74 15.58 -9.10 4.24
CA GLY B 74 15.09 -9.28 2.85
C GLY B 74 14.30 -8.07 2.38
N VAL B 75 13.78 -8.14 1.16
CA VAL B 75 13.03 -7.01 0.54
C VAL B 75 11.60 -7.48 0.22
N VAL B 76 10.61 -6.78 0.75
CA VAL B 76 9.19 -6.98 0.36
C VAL B 76 9.11 -6.82 -1.16
N LYS B 77 8.74 -7.86 -1.87
CA LYS B 77 8.46 -7.78 -3.33
C LYS B 77 6.99 -8.10 -3.67
N GLY B 78 6.17 -8.43 -2.67
CA GLY B 78 4.75 -8.70 -2.93
C GLY B 78 3.94 -8.75 -1.68
N HIS B 79 2.63 -8.62 -1.89
CA HIS B 79 1.57 -8.67 -0.87
C HIS B 79 0.49 -9.61 -1.40
N ARG B 80 -0.13 -10.38 -0.52
CA ARG B 80 -1.21 -11.32 -0.90
C ARG B 80 -2.15 -11.48 0.27
N LYS B 81 -3.44 -11.32 0.01
CA LYS B 81 -4.53 -11.68 0.94
C LYS B 81 -4.92 -13.14 0.68
N GLU B 82 -4.97 -13.96 1.71
CA GLU B 82 -5.60 -15.32 1.66
C GLU B 82 -6.44 -15.53 2.92
N SER B 83 -7.75 -15.67 2.77
CA SER B 83 -8.70 -15.95 3.86
C SER B 83 -8.50 -14.93 4.98
N GLY B 84 -8.53 -13.64 4.62
CA GLY B 84 -8.50 -12.52 5.55
C GLY B 84 -7.11 -12.21 6.08
N GLU B 85 -6.10 -13.03 5.81
CA GLU B 85 -4.72 -12.84 6.36
C GLU B 85 -3.80 -12.25 5.29
N LEU B 86 -2.81 -11.46 5.70
CA LEU B 86 -1.80 -10.88 4.79
C LEU B 86 -0.55 -11.76 4.77
N TYR B 87 -0.05 -12.08 3.59
CA TYR B 87 1.28 -12.66 3.38
C TYR B 87 2.14 -11.67 2.60
N TYR B 88 3.40 -11.61 2.99
CA TYR B 88 4.48 -10.85 2.33
C TYR B 88 5.33 -11.86 1.56
N SER B 89 5.66 -11.53 0.31
CA SER B 89 6.65 -12.24 -0.51
C SER B 89 7.99 -11.52 -0.28
N ILE B 90 8.90 -12.18 0.44
CA ILE B 90 10.23 -11.61 0.83
C ILE B 90 11.32 -12.24 -0.05
N GLU B 91 12.11 -11.37 -0.70
CA GLU B 91 13.24 -11.72 -1.61
C GLU B 91 14.55 -11.56 -0.83
N LYS B 92 15.35 -12.62 -0.76
CA LYS B 92 16.74 -12.60 -0.25
C LYS B 92 17.61 -13.33 -1.27
N GLU B 93 18.60 -12.63 -1.83
CA GLU B 93 19.52 -13.15 -2.88
C GLU B 93 18.70 -13.83 -3.98
N GLY B 94 17.66 -13.15 -4.48
CA GLY B 94 16.90 -13.54 -5.70
C GLY B 94 16.09 -14.82 -5.55
N GLN B 95 15.80 -15.27 -4.33
CA GLN B 95 14.80 -16.32 -4.04
C GLN B 95 13.66 -15.67 -3.26
N ARG B 96 12.41 -16.00 -3.60
CA ARG B 96 11.21 -15.38 -3.00
C ARG B 96 10.47 -16.41 -2.14
N LYS B 97 10.15 -16.02 -0.90
CA LYS B 97 9.47 -16.87 0.10
C LYS B 97 8.28 -16.08 0.68
N TRP B 98 7.13 -16.75 0.82
CA TRP B 98 5.93 -16.22 1.50
C TRP B 98 6.10 -16.28 3.02
N TYR B 99 5.76 -15.18 3.69
CA TYR B 99 5.69 -15.10 5.17
C TYR B 99 4.35 -14.50 5.59
N LYS B 100 3.80 -15.03 6.68
CA LYS B 100 2.59 -14.47 7.35
C LYS B 100 2.99 -13.11 7.94
N ARG B 101 2.01 -12.22 8.12
CA ARG B 101 2.24 -10.84 8.61
C ARG B 101 3.16 -10.87 9.83
N MET B 102 2.82 -11.67 10.85
CA MET B 102 3.50 -11.60 12.18
C MET B 102 4.92 -12.17 12.10
N ALA B 103 5.33 -12.73 10.95
CA ALA B 103 6.70 -13.24 10.71
C ALA B 103 7.54 -12.16 10.03
N VAL B 104 7.00 -10.96 9.88
CA VAL B 104 7.75 -9.85 9.24
C VAL B 104 7.85 -8.73 10.25
N ILE B 105 9.09 -8.37 10.59
CA ILE B 105 9.41 -7.36 11.63
C ILE B 105 10.45 -6.37 11.09
N LEU B 106 10.68 -5.31 11.84
CA LEU B 106 11.63 -4.26 11.45
C LEU B 106 12.66 -4.08 12.58
N SER B 107 13.93 -4.28 12.24
CA SER B 107 15.11 -3.73 12.95
C SER B 107 14.87 -2.24 13.25
N LEU B 108 15.59 -1.67 14.23
CA LEU B 108 15.47 -0.23 14.56
C LEU B 108 15.90 0.60 13.35
N GLU B 109 16.90 0.12 12.62
CA GLU B 109 17.37 0.70 11.35
C GLU B 109 16.21 0.69 10.35
N GLN B 110 15.69 -0.50 10.06
CA GLN B 110 14.59 -0.71 9.06
C GLN B 110 13.40 0.18 9.43
N GLY B 111 13.06 0.27 10.71
CA GLY B 111 11.94 1.10 11.18
C GLY B 111 12.22 2.57 10.99
N ASN B 112 13.44 3.02 11.33
CA ASN B 112 13.83 4.45 11.22
C ASN B 112 13.59 4.93 9.78
N ARG B 113 13.86 4.09 8.78
CA ARG B 113 13.70 4.45 7.34
C ARG B 113 12.23 4.66 6.95
N LEU B 114 11.26 4.24 7.76
CA LEU B 114 9.82 4.40 7.42
C LEU B 114 9.21 5.60 8.15
N ARG B 115 9.91 6.16 9.15
CA ARG B 115 9.38 7.19 10.09
C ARG B 115 8.94 8.44 9.34
N GLU B 116 9.74 8.90 8.38
CA GLU B 116 9.42 10.06 7.52
C GLU B 116 7.98 9.94 7.03
N GLN B 117 7.67 8.82 6.36
CA GLN B 117 6.36 8.59 5.69
C GLN B 117 5.33 8.09 6.71
N TYR B 118 5.72 7.23 7.68
CA TYR B 118 4.74 6.40 8.44
C TYR B 118 4.79 6.70 9.95
N GLY B 119 5.67 7.60 10.41
CA GLY B 119 5.74 8.07 11.81
C GLY B 119 4.50 8.85 12.17
N LEU B 120 4.22 9.02 13.46
CA LEU B 120 3.12 9.88 13.97
C LEU B 120 3.57 11.34 13.85
N GLY B 121 2.66 12.27 13.60
CA GLY B 121 3.00 13.70 13.46
C GLY B 121 3.75 14.22 14.68
N PRO B 122 4.11 15.52 14.71
CA PRO B 122 4.48 16.17 15.97
C PRO B 122 3.27 16.58 16.85
N TYR B 123 2.04 16.50 16.33
CA TYR B 123 0.78 16.71 17.09
C TYR B 123 0.20 15.37 17.55
#